data_7UE6
#
_entry.id   7UE6
#
_cell.length_a   97.837
_cell.length_b   97.837
_cell.length_c   69.166
_cell.angle_alpha   90.000
_cell.angle_beta   90.000
_cell.angle_gamma   120.000
#
_symmetry.space_group_name_H-M   'P 31 2 1'
#
loop_
_entity.id
_entity.type
_entity.pdbx_description
1 polymer 'Pantothenate kinase 3'
2 non-polymer 1,2-ETHANEDIOL
3 non-polymer 'ACETATE ION'
4 non-polymer 6-(4-{[5-fluoro-6-(propan-2-yl)pyridin-3-yl]acetyl}piperazin-1-yl)pyridazine-3-carbonitrile
5 non-polymer 'PHOSPHOAMINOPHOSPHONIC ACID-ADENYLATE ESTER'
6 non-polymer 'MAGNESIUM ION'
7 water water
#
_entity_poly.entity_id   1
_entity_poly.type   'polypeptide(L)'
_entity_poly.pdbx_seq_one_letter_code
;MGSSHHHHHHSSGLVPRGSPWFGMDIGGTLVKLSYFEPIDITAEEEQEEVESLKSIRKYLTSNVAYGSTGIRDVHLELKD
LTLFGRRGNLHFIRFPTQDLPTFIQMGRDKNFSTLQTVLCATGGGAYKFEKDFRTIGNLHLHKLDELDCLVKGLLYIDSV
SFNGQAECYYFANASEPERCQKMPFNLDDPYPLLVVNIGSGVSILAVHSKDNYKRVTGTSLGGGTFLGLCSLLTGCESFE
EALEMASKGDSTQADKLVRDIYGGDYERFGLPGWAVASSFGNMIYKEKRESVSKEDLARATLVTITNNIGSVARMCAVNE
KINRVVFVGNFLRVNTLSMKLLAYALDYWSKGQLKALFLEHEGYFGAVGALLGLPNFSDD
;
_entity_poly.pdbx_strand_id   A
#
loop_
_chem_comp.id
_chem_comp.type
_chem_comp.name
_chem_comp.formula
ACT non-polymer 'ACETATE ION' 'C2 H3 O2 -1'
ANP non-polymer 'PHOSPHOAMINOPHOSPHONIC ACID-ADENYLATE ESTER' 'C10 H17 N6 O12 P3'
EDO non-polymer 1,2-ETHANEDIOL 'C2 H6 O2'
MG non-polymer 'MAGNESIUM ION' 'Mg 2'
NDK non-polymer 6-(4-{[5-fluoro-6-(propan-2-yl)pyridin-3-yl]acetyl}piperazin-1-yl)pyridazine-3-carbonitrile 'C19 H21 F N6 O'
#
# COMPACT_ATOMS: atom_id res chain seq x y z
N SER A 19 -8.29 5.47 -27.59
CA SER A 19 -8.50 4.83 -26.29
C SER A 19 -7.55 5.43 -25.24
N PRO A 20 -8.10 5.86 -24.11
CA PRO A 20 -7.24 6.26 -23.00
C PRO A 20 -6.49 5.06 -22.45
N TRP A 21 -5.28 5.31 -21.97
CA TRP A 21 -4.41 4.26 -21.43
C TRP A 21 -4.58 4.24 -19.92
N PHE A 22 -5.17 3.15 -19.41
CA PHE A 22 -5.50 3.03 -17.97
C PHE A 22 -5.01 1.69 -17.42
N GLY A 23 -4.63 1.68 -16.15
CA GLY A 23 -4.30 0.40 -15.48
C GLY A 23 -5.15 0.34 -14.22
N MET A 24 -5.85 -0.76 -13.92
CA MET A 24 -6.73 -0.75 -12.76
C MET A 24 -6.43 -1.96 -11.90
N ASP A 25 -6.35 -1.73 -10.60
CA ASP A 25 -6.17 -2.77 -9.59
C ASP A 25 -7.38 -2.67 -8.66
N ILE A 26 -8.30 -3.64 -8.78
CA ILE A 26 -9.53 -3.64 -7.98
C ILE A 26 -9.27 -4.57 -6.80
N GLY A 27 -8.93 -3.97 -5.65
CA GLY A 27 -8.68 -4.73 -4.45
C GLY A 27 -9.95 -4.97 -3.64
N GLY A 28 -9.79 -5.67 -2.52
CA GLY A 28 -10.92 -5.92 -1.64
C GLY A 28 -11.49 -4.64 -1.03
N THR A 29 -10.67 -3.60 -0.91
CA THR A 29 -11.11 -2.36 -0.27
C THR A 29 -11.04 -1.15 -1.20
N LEU A 30 -9.94 -0.97 -1.91
CA LEU A 30 -9.73 0.21 -2.74
C LEU A 30 -9.49 -0.20 -4.19
N VAL A 31 -10.02 0.60 -5.11
CA VAL A 31 -9.65 0.53 -6.52
C VAL A 31 -8.53 1.54 -6.74
N LYS A 32 -7.47 1.11 -7.41
CA LYS A 32 -6.37 1.99 -7.76
C LYS A 32 -6.32 2.08 -9.28
N LEU A 33 -6.16 3.30 -9.80
CA LEU A 33 -6.21 3.55 -11.23
C LEU A 33 -4.96 4.35 -11.61
N SER A 34 -4.22 3.87 -12.60
CA SER A 34 -3.14 4.63 -13.20
C SER A 34 -3.59 5.09 -14.57
N TYR A 35 -3.40 6.37 -14.87
CA TYR A 35 -3.89 6.97 -16.09
C TYR A 35 -2.75 7.75 -16.73
N PHE A 36 -2.44 7.42 -17.98
CA PHE A 36 -1.40 8.13 -18.74
C PHE A 36 -2.04 9.23 -19.55
N GLU A 37 -1.71 10.49 -19.22
CA GLU A 37 -2.20 11.66 -19.93
C GLU A 37 -1.19 12.06 -20.99
N PRO A 38 -1.46 11.88 -22.28
CA PRO A 38 -0.50 12.31 -23.31
C PRO A 38 -0.33 13.82 -23.29
N ILE A 39 0.91 14.27 -23.45
CA ILE A 39 1.20 15.69 -23.48
C ILE A 39 1.88 16.11 -24.77
N ASP A 40 1.99 15.18 -25.73
CA ASP A 40 2.59 15.45 -27.03
C ASP A 40 1.55 15.39 -28.14
N ILE A 41 0.31 15.80 -27.85
CA ILE A 41 -0.78 15.71 -28.82
C ILE A 41 -0.54 16.73 -29.91
N THR A 42 -0.46 16.26 -31.16
CA THR A 42 -0.24 17.15 -32.28
C THR A 42 -1.54 17.87 -32.66
N ALA A 43 -1.41 18.89 -33.51
CA ALA A 43 -2.57 19.61 -34.01
C ALA A 43 -3.55 18.67 -34.71
N GLU A 44 -3.03 17.75 -35.53
CA GLU A 44 -3.91 16.81 -36.22
C GLU A 44 -4.58 15.85 -35.24
N GLU A 45 -3.87 15.47 -34.19
CA GLU A 45 -4.43 14.50 -33.25
C GLU A 45 -5.56 15.11 -32.42
N GLU A 46 -5.47 16.40 -32.09
CA GLU A 46 -6.52 17.01 -31.29
C GLU A 46 -7.83 17.12 -32.06
N GLN A 47 -7.75 17.36 -33.37
CA GLN A 47 -8.96 17.38 -34.19
C GLN A 47 -9.58 15.98 -34.29
N GLU A 48 -8.73 14.96 -34.46
CA GLU A 48 -9.24 13.60 -34.62
C GLU A 48 -9.84 13.04 -33.34
N GLU A 49 -9.51 13.59 -32.18
CA GLU A 49 -10.00 13.04 -30.92
C GLU A 49 -11.49 13.32 -30.76
N VAL A 50 -12.23 12.33 -30.29
CA VAL A 50 -13.67 12.46 -30.14
C VAL A 50 -13.99 13.20 -28.85
N GLU A 51 -15.18 13.80 -28.81
CA GLU A 51 -15.55 14.66 -27.69
C GLU A 51 -15.57 13.89 -26.37
N SER A 52 -16.02 12.63 -26.39
CA SER A 52 -16.04 11.84 -25.17
C SER A 52 -14.64 11.66 -24.61
N LEU A 53 -13.65 11.43 -25.49
CA LEU A 53 -12.27 11.31 -25.05
C LEU A 53 -11.75 12.60 -24.46
N LYS A 54 -12.03 13.73 -25.13
CA LYS A 54 -11.59 15.03 -24.61
C LYS A 54 -12.26 15.34 -23.28
N SER A 55 -13.53 14.96 -23.14
CA SER A 55 -14.23 15.21 -21.88
C SER A 55 -13.64 14.39 -20.75
N ILE A 56 -13.22 13.15 -21.03
CA ILE A 56 -12.60 12.31 -20.00
C ILE A 56 -11.26 12.88 -19.59
N ARG A 57 -10.42 13.25 -20.56
CA ARG A 57 -9.10 13.78 -20.22
C ARG A 57 -9.23 15.08 -19.42
N LYS A 58 -10.14 15.96 -19.85
CA LYS A 58 -10.36 17.21 -19.13
C LYS A 58 -10.91 16.97 -17.73
N TYR A 59 -11.88 16.06 -17.61
CA TYR A 59 -12.46 15.74 -16.30
C TYR A 59 -11.38 15.24 -15.35
N LEU A 60 -10.53 14.34 -15.81
CA LEU A 60 -9.53 13.73 -14.95
C LEU A 60 -8.44 14.73 -14.56
N THR A 61 -8.02 15.58 -15.50
CA THR A 61 -6.89 16.47 -15.25
C THR A 61 -7.29 17.83 -14.66
N SER A 62 -8.56 18.22 -14.69
CA SER A 62 -8.98 19.47 -14.08
C SER A 62 -9.59 19.30 -12.70
N ASN A 63 -9.78 18.07 -12.23
CA ASN A 63 -10.33 17.79 -10.91
C ASN A 63 -9.35 16.94 -10.13
N VAL A 64 -9.29 17.17 -8.82
CA VAL A 64 -8.54 16.30 -7.93
C VAL A 64 -9.46 15.45 -7.06
N ALA A 65 -10.72 15.83 -6.91
CA ALA A 65 -11.73 14.99 -6.28
C ALA A 65 -12.73 14.59 -7.36
N TYR A 66 -13.11 13.31 -7.37
CA TYR A 66 -14.03 12.79 -8.36
C TYR A 66 -15.28 12.30 -7.63
N GLY A 67 -16.42 12.96 -7.88
CA GLY A 67 -17.58 12.67 -7.07
C GLY A 67 -17.28 12.85 -5.60
N SER A 68 -17.84 11.98 -4.77
CA SER A 68 -17.70 12.11 -3.33
C SER A 68 -16.58 11.26 -2.74
N THR A 69 -16.06 10.27 -3.47
CA THR A 69 -15.08 9.37 -2.86
C THR A 69 -13.84 9.12 -3.71
N GLY A 70 -13.75 9.66 -4.92
CA GLY A 70 -12.56 9.48 -5.73
C GLY A 70 -11.55 10.59 -5.48
N ILE A 71 -10.27 10.22 -5.48
CA ILE A 71 -9.19 11.16 -5.17
C ILE A 71 -8.05 10.94 -6.16
N ARG A 72 -7.52 12.03 -6.70
CA ARG A 72 -6.26 11.99 -7.44
C ARG A 72 -5.13 12.40 -6.50
N ASP A 73 -4.14 11.51 -6.35
CA ASP A 73 -2.98 11.79 -5.52
C ASP A 73 -1.98 12.58 -6.37
N VAL A 74 -2.19 13.89 -6.42
CA VAL A 74 -1.45 14.75 -7.34
C VAL A 74 0.04 14.74 -7.04
N HIS A 75 0.41 14.58 -5.77
CA HIS A 75 1.83 14.61 -5.39
C HIS A 75 2.60 13.44 -5.97
N LEU A 76 1.93 12.36 -6.35
CA LEU A 76 2.56 11.18 -6.92
C LEU A 76 2.72 11.23 -8.43
N GLU A 77 2.17 12.25 -9.10
CA GLU A 77 2.21 12.31 -10.55
C GLU A 77 3.64 12.22 -11.07
N LEU A 78 3.86 11.35 -12.06
CA LEU A 78 5.12 11.34 -12.79
C LEU A 78 4.97 12.20 -14.03
N LYS A 79 5.80 13.24 -14.14
CA LYS A 79 5.65 14.23 -15.20
C LYS A 79 6.61 13.94 -16.35
N ASP A 80 6.10 14.08 -17.57
CA ASP A 80 6.91 13.94 -18.79
C ASP A 80 7.60 12.58 -18.82
N LEU A 81 6.81 11.55 -18.56
CA LEU A 81 7.25 10.17 -18.70
C LEU A 81 7.08 9.72 -20.15
N THR A 82 8.05 8.96 -20.66
CA THR A 82 7.95 8.36 -21.99
C THR A 82 7.46 6.93 -21.82
N LEU A 83 6.30 6.63 -22.41
CA LEU A 83 5.65 5.34 -22.26
C LEU A 83 5.01 4.97 -23.59
N PHE A 84 5.30 3.76 -24.05
CA PHE A 84 4.77 3.26 -25.33
C PHE A 84 5.07 4.23 -26.47
N GLY A 85 6.24 4.87 -26.41
CA GLY A 85 6.65 5.77 -27.46
C GLY A 85 6.00 7.13 -27.46
N ARG A 86 5.25 7.48 -26.43
CA ARG A 86 4.65 8.81 -26.28
C ARG A 86 5.13 9.44 -24.98
N ARG A 87 5.11 10.76 -24.92
CA ARG A 87 5.38 11.46 -23.67
C ARG A 87 4.06 11.85 -23.00
N GLY A 88 4.02 11.73 -21.69
CA GLY A 88 2.82 12.13 -20.98
C GLY A 88 3.07 12.19 -19.50
N ASN A 89 1.99 12.44 -18.76
CA ASN A 89 2.02 12.44 -17.30
C ASN A 89 1.29 11.20 -16.80
N LEU A 90 1.87 10.52 -15.83
CA LEU A 90 1.24 9.35 -15.22
C LEU A 90 0.54 9.79 -13.95
N HIS A 91 -0.79 9.60 -13.90
CA HIS A 91 -1.62 10.01 -12.78
C HIS A 91 -2.03 8.81 -11.94
N PHE A 92 -2.29 9.07 -10.65
CA PHE A 92 -2.58 8.02 -9.68
C PHE A 92 -3.86 8.36 -8.94
N ILE A 93 -4.87 7.50 -9.06
CA ILE A 93 -6.24 7.81 -8.66
C ILE A 93 -6.77 6.63 -7.85
N ARG A 94 -7.53 6.92 -6.80
CA ARG A 94 -8.08 5.84 -5.97
C ARG A 94 -9.51 6.14 -5.59
N PHE A 95 -10.28 5.08 -5.36
CA PHE A 95 -11.63 5.22 -4.82
C PHE A 95 -12.03 3.89 -4.20
N PRO A 96 -13.05 3.86 -3.35
CA PRO A 96 -13.41 2.62 -2.68
C PRO A 96 -14.03 1.62 -3.66
N THR A 97 -13.67 0.35 -3.48
CA THR A 97 -14.28 -0.70 -4.30
C THR A 97 -15.80 -0.72 -4.14
N GLN A 98 -16.32 -0.33 -2.97
CA GLN A 98 -17.76 -0.22 -2.77
C GLN A 98 -18.41 0.72 -3.79
N ASP A 99 -17.66 1.68 -4.33
CA ASP A 99 -18.21 2.63 -5.28
C ASP A 99 -17.92 2.25 -6.74
N LEU A 100 -17.37 1.06 -6.99
CA LEU A 100 -17.18 0.64 -8.38
C LEU A 100 -18.46 0.67 -9.20
N PRO A 101 -19.65 0.35 -8.66
CA PRO A 101 -20.87 0.53 -9.49
C PRO A 101 -21.06 1.94 -10.01
N THR A 102 -20.75 2.96 -9.20
CA THR A 102 -20.76 4.33 -9.71
C THR A 102 -19.76 4.52 -10.85
N PHE A 103 -18.55 3.99 -10.70
CA PHE A 103 -17.55 4.07 -11.76
C PHE A 103 -18.06 3.43 -13.04
N ILE A 104 -18.63 2.22 -12.92
CA ILE A 104 -19.08 1.51 -14.11
C ILE A 104 -20.27 2.21 -14.75
N GLN A 105 -21.18 2.73 -13.92
CA GLN A 105 -22.33 3.45 -14.45
C GLN A 105 -21.89 4.74 -15.17
N MET A 106 -20.86 5.41 -14.66
CA MET A 106 -20.33 6.56 -15.38
C MET A 106 -19.72 6.14 -16.71
N GLY A 107 -19.03 5.00 -16.74
CA GLY A 107 -18.49 4.50 -18.00
C GLY A 107 -19.57 4.21 -19.03
N ARG A 108 -20.72 3.71 -18.59
CA ARG A 108 -21.78 3.39 -19.54
C ARG A 108 -22.46 4.63 -20.10
N ASP A 109 -22.40 5.76 -19.39
CA ASP A 109 -23.01 6.99 -19.88
C ASP A 109 -22.27 7.51 -21.10
N THR A 117 -12.32 0.86 -25.81
CA THR A 117 -11.34 0.91 -24.75
C THR A 117 -10.96 -0.50 -24.30
N VAL A 118 -9.66 -0.72 -24.15
CA VAL A 118 -9.13 -1.98 -23.65
C VAL A 118 -8.72 -1.74 -22.21
N LEU A 119 -9.28 -2.51 -21.29
CA LEU A 119 -9.03 -2.28 -19.87
C LEU A 119 -8.21 -3.44 -19.32
N CYS A 120 -6.95 -3.16 -19.01
CA CYS A 120 -6.12 -4.12 -18.30
C CYS A 120 -6.39 -3.97 -16.81
N ALA A 121 -6.82 -5.05 -16.17
CA ALA A 121 -7.28 -5.00 -14.79
C ALA A 121 -6.67 -6.13 -13.99
N THR A 122 -6.33 -5.82 -12.74
CA THR A 122 -5.79 -6.84 -11.84
C THR A 122 -6.48 -6.72 -10.48
N GLY A 123 -5.98 -7.43 -9.47
CA GLY A 123 -6.69 -7.54 -8.22
C GLY A 123 -7.83 -8.54 -8.30
N GLY A 124 -8.32 -8.95 -7.12
CA GLY A 124 -9.42 -9.89 -7.09
C GLY A 124 -10.65 -9.39 -7.82
N GLY A 125 -10.86 -8.06 -7.84
CA GLY A 125 -12.04 -7.52 -8.47
C GLY A 125 -12.04 -7.64 -9.98
N ALA A 126 -10.86 -7.86 -10.59
CA ALA A 126 -10.83 -8.10 -12.02
C ALA A 126 -11.61 -9.36 -12.37
N TYR A 127 -11.59 -10.34 -11.47
CA TYR A 127 -12.41 -11.54 -11.61
C TYR A 127 -13.81 -11.35 -11.07
N LYS A 128 -13.95 -10.84 -9.84
CA LYS A 128 -15.27 -10.75 -9.22
C LYS A 128 -16.21 -9.89 -10.05
N PHE A 129 -15.71 -8.79 -10.62
CA PHE A 129 -16.54 -7.83 -11.34
C PHE A 129 -16.38 -7.91 -12.84
N GLU A 130 -15.82 -9.01 -13.35
CA GLU A 130 -15.65 -9.17 -14.79
C GLU A 130 -16.94 -8.91 -15.55
N LYS A 131 -18.04 -9.55 -15.11
CA LYS A 131 -19.30 -9.42 -15.82
C LYS A 131 -19.83 -8.00 -15.77
N ASP A 132 -19.51 -7.26 -14.71
CA ASP A 132 -19.95 -5.87 -14.60
C ASP A 132 -19.19 -4.98 -15.58
N PHE A 133 -17.88 -5.18 -15.70
CA PHE A 133 -17.13 -4.40 -16.70
C PHE A 133 -17.63 -4.69 -18.10
N ARG A 134 -18.14 -5.88 -18.36
CA ARG A 134 -18.60 -6.19 -19.71
C ARG A 134 -19.96 -5.60 -20.02
N THR A 135 -20.62 -4.96 -19.05
CA THR A 135 -21.82 -4.19 -19.38
C THR A 135 -21.50 -2.94 -20.18
N ILE A 136 -20.24 -2.54 -20.23
CA ILE A 136 -19.82 -1.43 -21.08
C ILE A 136 -19.62 -2.01 -22.49
N GLY A 137 -20.48 -1.63 -23.42
CA GLY A 137 -20.48 -2.19 -24.75
C GLY A 137 -19.12 -2.23 -25.40
N ASN A 138 -18.79 -3.36 -26.01
CA ASN A 138 -17.56 -3.62 -26.77
C ASN A 138 -16.29 -3.47 -25.94
N LEU A 139 -16.38 -3.24 -24.63
CA LEU A 139 -15.19 -3.13 -23.81
C LEU A 139 -14.47 -4.47 -23.75
N HIS A 140 -13.15 -4.43 -23.85
CA HIS A 140 -12.32 -5.62 -23.78
C HIS A 140 -11.60 -5.59 -22.43
N LEU A 141 -11.96 -6.52 -21.55
CA LEU A 141 -11.34 -6.64 -20.24
C LEU A 141 -10.24 -7.69 -20.31
N HIS A 142 -9.05 -7.34 -19.84
CA HIS A 142 -7.93 -8.27 -19.81
C HIS A 142 -7.49 -8.43 -18.37
N LYS A 143 -7.79 -9.58 -17.79
CA LYS A 143 -7.45 -9.86 -16.40
C LYS A 143 -5.99 -10.26 -16.28
N LEU A 144 -5.26 -9.61 -15.37
CA LEU A 144 -3.85 -9.86 -15.14
C LEU A 144 -3.62 -10.17 -13.67
N ASP A 145 -2.61 -10.99 -13.38
CA ASP A 145 -2.42 -11.48 -12.03
C ASP A 145 -1.90 -10.38 -11.10
N GLU A 146 -2.43 -10.34 -9.87
CA GLU A 146 -2.18 -9.19 -9.00
C GLU A 146 -0.74 -9.16 -8.51
N LEU A 147 -0.09 -10.31 -8.39
CA LEU A 147 1.29 -10.27 -7.96
C LEU A 147 2.27 -10.14 -9.14
N ASP A 148 1.90 -10.64 -10.32
CA ASP A 148 2.64 -10.28 -11.55
C ASP A 148 2.66 -8.77 -11.77
N CYS A 149 1.49 -8.13 -11.65
CA CYS A 149 1.39 -6.69 -11.88
C CYS A 149 2.15 -5.92 -10.81
N LEU A 150 2.04 -6.36 -9.55
CA LEU A 150 2.76 -5.70 -8.47
C LEU A 150 4.25 -5.67 -8.74
N VAL A 151 4.84 -6.82 -9.06
CA VAL A 151 6.30 -6.87 -9.27
C VAL A 151 6.69 -6.01 -10.48
N LYS A 152 5.93 -6.12 -11.57
CA LYS A 152 6.26 -5.35 -12.77
C LYS A 152 6.13 -3.85 -12.52
N GLY A 153 5.08 -3.43 -11.82
CA GLY A 153 4.90 -2.01 -11.56
C GLY A 153 5.95 -1.45 -10.61
N LEU A 154 6.28 -2.20 -9.57
CA LEU A 154 7.32 -1.79 -8.63
C LEU A 154 8.66 -1.61 -9.34
N LEU A 155 9.05 -2.60 -10.15
CA LEU A 155 10.34 -2.51 -10.83
C LEU A 155 10.35 -1.36 -11.84
N TYR A 156 9.22 -1.13 -12.50
CA TYR A 156 9.16 -0.07 -13.49
C TYR A 156 9.27 1.31 -12.86
N ILE A 157 8.46 1.57 -11.83
CA ILE A 157 8.49 2.89 -11.19
C ILE A 157 9.87 3.17 -10.61
N ASP A 158 10.47 2.20 -9.94
CA ASP A 158 11.82 2.48 -9.43
C ASP A 158 12.78 2.77 -10.58
N SER A 159 12.58 2.13 -11.73
CA SER A 159 13.49 2.30 -12.85
C SER A 159 13.39 3.69 -13.47
N VAL A 160 12.18 4.25 -13.56
CA VAL A 160 12.04 5.57 -14.18
C VAL A 160 12.30 6.70 -13.19
N SER A 161 12.38 6.41 -11.89
CA SER A 161 12.53 7.34 -10.78
C SER A 161 11.25 8.16 -10.54
N PHE A 162 11.23 8.85 -9.41
CA PHE A 162 10.09 9.69 -8.99
C PHE A 162 10.45 11.12 -9.35
N ASN A 163 10.29 11.44 -10.63
CA ASN A 163 10.65 12.76 -11.14
C ASN A 163 12.09 13.12 -10.75
N GLY A 164 12.99 12.14 -10.90
CA GLY A 164 14.40 12.33 -10.64
C GLY A 164 14.84 12.03 -9.23
N GLN A 165 13.91 11.89 -8.29
CA GLN A 165 14.18 11.50 -6.93
C GLN A 165 14.05 9.98 -6.77
N ALA A 166 14.62 9.47 -5.68
CA ALA A 166 14.47 8.04 -5.39
C ALA A 166 13.01 7.66 -5.15
N GLU A 167 12.59 6.54 -5.76
CA GLU A 167 11.30 5.96 -5.41
C GLU A 167 11.35 5.24 -4.07
N CYS A 168 12.53 4.74 -3.68
CA CYS A 168 12.66 3.89 -2.50
C CYS A 168 13.34 4.68 -1.39
N TYR A 169 12.89 4.46 -0.16
CA TYR A 169 13.49 5.13 0.99
C TYR A 169 13.45 4.22 2.21
N TYR A 170 14.27 4.57 3.19
CA TYR A 170 14.31 3.88 4.48
C TYR A 170 14.39 4.94 5.55
N PHE A 171 14.26 4.52 6.81
CA PHE A 171 14.43 5.46 7.92
C PHE A 171 15.79 5.22 8.55
N ALA A 172 16.71 6.16 8.36
CA ALA A 172 18.03 6.06 8.94
C ALA A 172 17.95 6.20 10.45
N ASN A 173 18.77 5.41 11.16
CA ASN A 173 18.86 5.49 12.61
C ASN A 173 17.48 5.37 13.25
N ALA A 174 16.74 4.35 12.81
CA ALA A 174 15.34 4.22 13.20
C ALA A 174 15.15 3.99 14.69
N SER A 175 16.20 3.60 15.40
CA SER A 175 16.10 3.34 16.84
C SER A 175 16.28 4.58 17.70
N GLU A 176 16.69 5.70 17.10
CA GLU A 176 16.96 6.93 17.85
C GLU A 176 16.06 8.03 17.33
N PRO A 177 15.04 8.44 18.09
CA PRO A 177 14.05 9.39 17.54
C PRO A 177 14.63 10.75 17.20
N GLU A 178 15.69 11.19 17.91
CA GLU A 178 16.30 12.48 17.60
C GLU A 178 17.09 12.43 16.31
N ARG A 179 17.40 11.24 15.80
CA ARG A 179 18.13 11.09 14.55
C ARG A 179 17.30 10.53 13.42
N CYS A 180 16.23 9.79 13.74
CA CYS A 180 15.49 9.03 12.75
C CYS A 180 14.99 9.94 11.64
N GLN A 181 15.32 9.61 10.39
CA GLN A 181 14.91 10.44 9.28
C GLN A 181 14.80 9.61 8.00
N LYS A 182 13.81 9.95 7.20
CA LYS A 182 13.64 9.38 5.87
C LYS A 182 14.87 9.65 5.00
N MET A 183 15.41 8.60 4.37
CA MET A 183 16.57 8.75 3.49
C MET A 183 16.39 7.90 2.24
N PRO A 184 16.92 8.34 1.10
CA PRO A 184 16.75 7.57 -0.14
C PRO A 184 17.58 6.29 -0.14
N PHE A 185 17.10 5.28 -0.87
CA PHE A 185 17.74 3.98 -0.95
C PHE A 185 17.78 3.51 -2.40
N ASN A 186 18.95 3.08 -2.87
CA ASN A 186 19.11 2.67 -4.26
C ASN A 186 18.69 1.22 -4.48
N LEU A 187 17.81 0.99 -5.46
CA LEU A 187 17.35 -0.33 -5.86
C LEU A 187 17.76 -0.68 -7.29
N ASP A 188 18.91 -0.18 -7.76
CA ASP A 188 19.29 -0.40 -9.15
C ASP A 188 19.51 -1.88 -9.45
N ASP A 189 20.05 -2.62 -8.48
CA ASP A 189 20.05 -4.08 -8.53
C ASP A 189 19.12 -4.54 -7.43
N PRO A 190 17.82 -4.69 -7.71
CA PRO A 190 16.85 -4.93 -6.63
C PRO A 190 16.79 -6.37 -6.15
N TYR A 191 17.59 -7.29 -6.74
CA TYR A 191 17.35 -8.67 -6.36
C TYR A 191 18.44 -9.18 -5.41
N PRO A 192 18.09 -10.05 -4.46
CA PRO A 192 16.71 -10.48 -4.18
C PRO A 192 15.97 -9.49 -3.29
N LEU A 193 14.65 -9.60 -3.24
CA LEU A 193 13.85 -8.62 -2.52
C LEU A 193 12.66 -9.32 -1.91
N LEU A 194 12.38 -9.06 -0.63
CA LEU A 194 11.14 -9.53 -0.02
C LEU A 194 10.14 -8.38 -0.05
N VAL A 195 8.99 -8.61 -0.66
CA VAL A 195 7.96 -7.58 -0.81
C VAL A 195 6.80 -7.95 0.09
N VAL A 196 6.44 -7.05 1.00
CA VAL A 196 5.33 -7.27 1.93
C VAL A 196 4.20 -6.35 1.53
N ASN A 197 3.15 -6.93 0.94
CA ASN A 197 2.03 -6.17 0.38
C ASN A 197 0.94 -6.13 1.43
N ILE A 198 0.80 -4.99 2.11
CA ILE A 198 -0.17 -4.85 3.20
C ILE A 198 -1.40 -4.17 2.62
N GLY A 199 -2.38 -4.98 2.22
CA GLY A 199 -3.67 -4.49 1.79
C GLY A 199 -4.73 -4.80 2.83
N SER A 200 -5.86 -5.37 2.41
CA SER A 200 -6.83 -5.86 3.38
C SER A 200 -6.19 -6.88 4.32
N GLY A 201 -5.46 -7.83 3.74
CA GLY A 201 -4.64 -8.79 4.45
C GLY A 201 -3.21 -8.57 4.04
N VAL A 202 -2.36 -9.59 4.11
CA VAL A 202 -0.94 -9.42 3.78
C VAL A 202 -0.53 -10.52 2.83
N SER A 203 0.14 -10.16 1.73
CA SER A 203 0.84 -11.12 0.89
C SER A 203 2.35 -10.86 1.00
N ILE A 204 3.14 -11.93 1.10
CA ILE A 204 4.59 -11.82 1.17
C ILE A 204 5.18 -12.50 -0.05
N LEU A 205 5.99 -11.76 -0.79
CA LEU A 205 6.57 -12.23 -2.04
C LEU A 205 8.09 -12.24 -1.92
N ALA A 206 8.70 -13.20 -2.60
CA ALA A 206 10.16 -13.27 -2.72
C ALA A 206 10.49 -13.05 -4.20
N VAL A 207 11.22 -11.99 -4.50
CA VAL A 207 11.54 -11.64 -5.88
C VAL A 207 13.01 -11.93 -6.09
N HIS A 208 13.31 -12.87 -7.00
CA HIS A 208 14.69 -13.25 -7.29
C HIS A 208 15.22 -12.65 -8.58
N SER A 209 14.33 -12.36 -9.53
CA SER A 209 14.70 -11.69 -10.78
C SER A 209 13.44 -11.05 -11.34
N LYS A 210 13.59 -10.40 -12.50
CA LYS A 210 12.44 -9.79 -13.15
C LYS A 210 11.39 -10.83 -13.57
N ASP A 211 11.80 -12.09 -13.73
CA ASP A 211 10.89 -13.15 -14.16
C ASP A 211 10.82 -14.32 -13.17
N ASN A 212 11.44 -14.20 -12.00
CA ASN A 212 11.48 -15.29 -11.02
C ASN A 212 11.04 -14.72 -9.67
N TYR A 213 9.77 -14.93 -9.34
CA TYR A 213 9.25 -14.47 -8.07
C TYR A 213 8.17 -15.46 -7.63
N LYS A 214 7.90 -15.45 -6.34
CA LYS A 214 6.90 -16.36 -5.78
C LYS A 214 6.21 -15.68 -4.62
N ARG A 215 5.02 -16.18 -4.29
CA ARG A 215 4.33 -15.78 -3.08
C ARG A 215 4.75 -16.73 -1.97
N VAL A 216 5.50 -16.22 -0.98
CA VAL A 216 6.02 -17.06 0.09
C VAL A 216 4.88 -17.56 0.95
N THR A 217 4.06 -16.63 1.43
CA THR A 217 2.91 -16.94 2.27
C THR A 217 2.09 -15.66 2.39
N GLY A 218 1.18 -15.63 3.35
CA GLY A 218 0.46 -14.39 3.61
C GLY A 218 -0.05 -14.45 5.03
N THR A 219 -0.67 -13.37 5.47
CA THR A 219 -1.39 -13.38 6.73
C THR A 219 -2.74 -12.70 6.56
N SER A 220 -3.65 -13.04 7.46
CA SER A 220 -4.96 -12.45 7.51
C SER A 220 -4.99 -11.19 8.36
N LEU A 221 -3.89 -10.84 9.02
CA LEU A 221 -3.88 -9.70 9.93
C LEU A 221 -3.27 -8.53 9.19
N GLY A 222 -4.10 -7.79 8.46
CA GLY A 222 -3.61 -6.71 7.63
C GLY A 222 -4.36 -5.41 7.88
N GLY A 223 -4.40 -4.59 6.83
CA GLY A 223 -5.00 -3.26 6.99
C GLY A 223 -6.48 -3.30 7.29
N GLY A 224 -7.19 -4.32 6.79
CA GLY A 224 -8.61 -4.44 7.08
C GLY A 224 -8.87 -4.87 8.52
N THR A 225 -7.93 -5.61 9.10
CA THR A 225 -7.98 -5.91 10.53
C THR A 225 -7.80 -4.64 11.36
N PHE A 226 -6.81 -3.82 11.00
CA PHE A 226 -6.66 -2.57 11.71
C PHE A 226 -7.94 -1.74 11.62
N LEU A 227 -8.44 -1.54 10.40
CA LEU A 227 -9.58 -0.66 10.23
C LEU A 227 -10.85 -1.27 10.83
N GLY A 228 -11.05 -2.57 10.63
CA GLY A 228 -12.25 -3.23 11.14
C GLY A 228 -12.28 -3.27 12.65
N LEU A 229 -11.18 -3.70 13.28
CA LEU A 229 -11.15 -3.74 14.73
C LEU A 229 -11.21 -2.34 15.32
N CYS A 230 -10.49 -1.40 14.72
CA CYS A 230 -10.53 -0.04 15.22
C CYS A 230 -11.95 0.51 15.22
N SER A 231 -12.69 0.26 14.14
CA SER A 231 -14.07 0.75 14.06
C SER A 231 -14.95 0.12 15.13
N LEU A 232 -14.82 -1.19 15.34
CA LEU A 232 -15.59 -1.85 16.38
C LEU A 232 -15.27 -1.28 17.76
N LEU A 233 -13.99 -1.02 18.02
CA LEU A 233 -13.54 -0.67 19.36
C LEU A 233 -13.71 0.81 19.68
N THR A 234 -13.64 1.68 18.68
CA THR A 234 -13.65 3.12 18.92
C THR A 234 -14.79 3.86 18.26
N GLY A 235 -15.50 3.24 17.32
CA GLY A 235 -16.52 3.96 16.59
C GLY A 235 -15.99 4.91 15.53
N CYS A 236 -14.69 4.87 15.23
CA CYS A 236 -14.16 5.70 14.15
C CYS A 236 -14.83 5.32 12.84
N GLU A 237 -14.93 6.30 11.93
CA GLU A 237 -15.64 6.08 10.69
C GLU A 237 -14.76 6.25 9.45
N SER A 238 -13.45 6.35 9.62
CA SER A 238 -12.55 6.39 8.48
C SER A 238 -11.16 5.92 8.92
N PHE A 239 -10.38 5.49 7.92
CA PHE A 239 -8.98 5.15 8.14
C PHE A 239 -8.23 6.32 8.74
N GLU A 240 -8.45 7.52 8.22
CA GLU A 240 -7.71 8.68 8.72
C GLU A 240 -8.07 8.99 10.16
N GLU A 241 -9.36 8.87 10.52
CA GLU A 241 -9.75 9.09 11.91
C GLU A 241 -9.14 8.04 12.83
N ALA A 242 -9.05 6.80 12.36
CA ALA A 242 -8.43 5.75 13.16
C ALA A 242 -6.98 6.09 13.47
N LEU A 243 -6.25 6.61 12.47
CA LEU A 243 -4.85 7.01 12.68
C LEU A 243 -4.74 8.23 13.58
N GLU A 244 -5.68 9.18 13.45
CA GLU A 244 -5.68 10.34 14.33
C GLU A 244 -5.87 9.91 15.78
N MET A 245 -6.83 9.01 16.02
CA MET A 245 -7.00 8.46 17.36
C MET A 245 -5.73 7.78 17.85
N ALA A 246 -5.15 6.93 17.00
CA ALA A 246 -3.95 6.18 17.39
C ALA A 246 -2.81 7.11 17.74
N SER A 247 -2.69 8.24 17.03
CA SER A 247 -1.60 9.16 17.30
C SER A 247 -1.68 9.75 18.70
N LYS A 248 -2.86 9.77 19.31
CA LYS A 248 -3.08 10.35 20.63
C LYS A 248 -3.08 9.31 21.75
N GLY A 249 -3.00 8.02 21.43
CA GLY A 249 -3.20 6.97 22.40
C GLY A 249 -1.91 6.39 22.95
N ASP A 250 -2.08 5.55 23.97
CA ASP A 250 -0.99 4.85 24.65
C ASP A 250 -1.34 3.38 24.60
N SER A 251 -0.69 2.63 23.70
CA SER A 251 -1.00 1.21 23.54
C SER A 251 -0.73 0.41 24.80
N THR A 252 0.18 0.88 25.67
CA THR A 252 0.51 0.11 26.87
C THR A 252 -0.63 0.12 27.88
N GLN A 253 -1.65 0.97 27.70
CA GLN A 253 -2.83 0.87 28.55
C GLN A 253 -3.65 -0.37 28.24
N ALA A 254 -3.55 -0.90 27.02
CA ALA A 254 -4.30 -2.09 26.61
C ALA A 254 -3.43 -3.34 26.57
N ASP A 255 -2.17 -3.20 26.17
CA ASP A 255 -1.27 -4.34 26.03
C ASP A 255 -0.63 -4.71 27.36
N LYS A 256 -0.33 -6.00 27.52
CA LYS A 256 0.45 -6.50 28.64
C LYS A 256 1.90 -6.65 28.17
N LEU A 257 2.82 -5.98 28.85
CA LEU A 257 4.21 -5.93 28.45
C LEU A 257 5.02 -7.00 29.19
N VAL A 258 6.22 -7.26 28.69
CA VAL A 258 7.10 -8.21 29.39
C VAL A 258 7.32 -7.77 30.82
N ARG A 259 7.50 -6.46 31.05
CA ARG A 259 7.72 -6.01 32.43
C ARG A 259 6.49 -6.16 33.30
N ASP A 260 5.28 -6.25 32.72
CA ASP A 260 4.10 -6.52 33.55
C ASP A 260 4.09 -7.94 34.07
N ILE A 261 4.81 -8.85 33.41
CA ILE A 261 4.84 -10.25 33.78
C ILE A 261 6.07 -10.58 34.62
N TYR A 262 7.23 -10.03 34.25
CA TYR A 262 8.51 -10.33 34.88
C TYR A 262 8.93 -9.29 35.91
N GLY A 263 8.33 -8.10 35.89
CA GLY A 263 8.82 -7.00 36.70
C GLY A 263 9.94 -6.21 36.05
N GLY A 264 10.38 -6.62 34.87
CA GLY A 264 11.49 -5.98 34.17
C GLY A 264 11.79 -6.75 32.92
N ASP A 265 13.04 -6.75 32.48
CA ASP A 265 13.43 -7.56 31.34
C ASP A 265 13.33 -9.05 31.64
N TYR A 266 13.13 -9.84 30.59
CA TYR A 266 13.35 -11.29 30.63
C TYR A 266 14.73 -11.50 30.03
N GLU A 267 15.75 -11.53 30.90
CA GLU A 267 17.12 -11.41 30.45
C GLU A 267 17.60 -12.64 29.71
N ARG A 268 17.18 -13.84 30.14
CA ARG A 268 17.70 -15.07 29.56
C ARG A 268 17.53 -15.08 28.04
N PHE A 269 16.42 -14.55 27.54
CA PHE A 269 16.15 -14.56 26.11
C PHE A 269 16.18 -13.18 25.49
N GLY A 270 16.82 -12.23 26.16
CA GLY A 270 16.98 -10.90 25.61
C GLY A 270 15.69 -10.18 25.30
N LEU A 271 14.63 -10.39 26.08
CA LEU A 271 13.37 -9.72 25.87
C LEU A 271 13.32 -8.47 26.74
N PRO A 272 13.29 -7.27 26.16
CA PRO A 272 13.26 -6.06 26.99
C PRO A 272 11.91 -5.90 27.67
N GLY A 273 11.92 -5.25 28.83
CA GLY A 273 10.68 -5.06 29.58
C GLY A 273 9.60 -4.36 28.78
N TRP A 274 9.99 -3.51 27.82
CA TRP A 274 9.01 -2.74 27.06
C TRP A 274 8.35 -3.54 25.94
N ALA A 275 8.86 -4.73 25.63
CA ALA A 275 8.28 -5.53 24.57
C ALA A 275 6.86 -5.97 24.93
N VAL A 276 5.99 -6.03 23.93
CA VAL A 276 4.63 -6.50 24.18
C VAL A 276 4.65 -8.01 24.35
N ALA A 277 4.20 -8.49 25.52
CA ALA A 277 4.04 -9.92 25.71
C ALA A 277 2.68 -10.41 25.22
N SER A 278 1.62 -9.63 25.40
CA SER A 278 0.28 -10.03 25.01
C SER A 278 -0.47 -8.81 24.54
N SER A 279 -0.72 -8.72 23.24
CA SER A 279 -1.52 -7.63 22.68
C SER A 279 -2.92 -7.66 23.26
N PHE A 280 -3.41 -6.50 23.72
CA PHE A 280 -4.69 -6.36 24.41
C PHE A 280 -4.75 -7.19 25.69
N GLY A 281 -3.61 -7.68 26.18
CA GLY A 281 -3.61 -8.61 27.30
C GLY A 281 -4.03 -7.98 28.62
N ASN A 282 -3.91 -6.66 28.76
CA ASN A 282 -4.42 -6.05 29.97
C ASN A 282 -5.92 -5.81 29.94
N MET A 283 -6.56 -6.11 28.81
CA MET A 283 -8.01 -5.98 28.72
C MET A 283 -8.74 -7.20 29.25
N ILE A 284 -8.03 -8.17 29.84
CA ILE A 284 -8.73 -9.23 30.56
C ILE A 284 -9.23 -8.76 31.92
N TYR A 285 -8.82 -7.57 32.36
CA TYR A 285 -9.23 -7.05 33.64
C TYR A 285 -10.33 -6.02 33.43
N LYS A 286 -11.47 -6.22 34.09
CA LYS A 286 -12.62 -5.36 33.83
C LYS A 286 -12.32 -3.91 34.16
N GLU A 287 -11.59 -3.67 35.26
CA GLU A 287 -11.34 -2.28 35.62
C GLU A 287 -10.44 -1.59 34.61
N LYS A 288 -9.55 -2.34 33.95
CA LYS A 288 -8.75 -1.71 32.90
C LYS A 288 -9.55 -1.47 31.63
N ARG A 289 -10.51 -2.35 31.32
CA ARG A 289 -11.41 -2.06 30.19
C ARG A 289 -12.23 -0.82 30.44
N GLU A 290 -12.58 -0.55 31.69
CA GLU A 290 -13.38 0.62 31.99
C GLU A 290 -12.57 1.92 32.03
N SER A 291 -11.23 1.84 32.05
CA SER A 291 -10.43 3.05 32.09
C SER A 291 -9.75 3.38 30.79
N VAL A 292 -9.63 2.41 29.88
CA VAL A 292 -8.89 2.61 28.64
C VAL A 292 -9.65 3.58 27.74
N SER A 293 -8.91 4.41 27.01
CA SER A 293 -9.55 5.37 26.11
C SER A 293 -9.66 4.77 24.72
N LYS A 294 -10.54 5.36 23.90
CA LYS A 294 -10.64 4.93 22.51
C LYS A 294 -9.33 5.16 21.78
N GLU A 295 -8.65 6.26 22.10
CA GLU A 295 -7.35 6.52 21.49
C GLU A 295 -6.35 5.44 21.85
N ASP A 296 -6.32 5.04 23.12
CA ASP A 296 -5.47 3.92 23.53
C ASP A 296 -5.79 2.66 22.74
N LEU A 297 -7.07 2.34 22.56
CA LEU A 297 -7.45 1.14 21.82
C LEU A 297 -7.04 1.24 20.36
N ALA A 298 -7.19 2.43 19.75
CA ALA A 298 -6.76 2.61 18.38
C ALA A 298 -5.27 2.36 18.24
N ARG A 299 -4.48 2.91 19.16
CA ARG A 299 -3.03 2.73 19.08
C ARG A 299 -2.66 1.28 19.32
N ALA A 300 -3.32 0.62 20.29
CA ALA A 300 -3.00 -0.80 20.49
C ALA A 300 -3.36 -1.62 19.26
N THR A 301 -4.45 -1.27 18.57
CA THR A 301 -4.77 -2.01 17.35
C THR A 301 -3.69 -1.81 16.31
N LEU A 302 -3.24 -0.56 16.12
CA LEU A 302 -2.19 -0.27 15.14
C LEU A 302 -0.90 -1.01 15.47
N VAL A 303 -0.48 -0.93 16.74
CA VAL A 303 0.76 -1.59 17.18
C VAL A 303 0.66 -3.10 17.03
N THR A 304 -0.49 -3.68 17.41
CA THR A 304 -0.67 -5.13 17.29
C THR A 304 -0.52 -5.59 15.85
N ILE A 305 -1.22 -4.94 14.93
CA ILE A 305 -1.17 -5.33 13.52
C ILE A 305 0.23 -5.09 12.94
N THR A 306 0.83 -3.93 13.25
CA THR A 306 2.11 -3.58 12.66
C THR A 306 3.22 -4.51 13.15
N ASN A 307 3.27 -4.78 14.45
CA ASN A 307 4.30 -5.70 14.94
C ASN A 307 4.12 -7.10 14.36
N ASN A 308 2.88 -7.55 14.18
CA ASN A 308 2.70 -8.90 13.65
C ASN A 308 3.17 -8.97 12.20
N ILE A 309 2.87 -7.93 11.41
CA ILE A 309 3.37 -7.86 10.04
C ILE A 309 4.88 -7.88 10.02
N GLY A 310 5.51 -7.07 10.88
CA GLY A 310 6.96 -7.06 10.95
C GLY A 310 7.53 -8.41 11.33
N SER A 311 6.93 -9.07 12.30
CA SER A 311 7.46 -10.34 12.75
C SER A 311 7.33 -11.41 11.67
N VAL A 312 6.18 -11.47 10.98
CA VAL A 312 6.04 -12.41 9.88
C VAL A 312 7.04 -12.10 8.77
N ALA A 313 7.24 -10.81 8.48
CA ALA A 313 8.21 -10.44 7.45
C ALA A 313 9.61 -10.90 7.86
N ARG A 314 9.94 -10.75 9.14
CA ARG A 314 11.25 -11.16 9.64
C ARG A 314 11.46 -12.67 9.46
N MET A 315 10.46 -13.46 9.84
CA MET A 315 10.58 -14.90 9.69
C MET A 315 10.70 -15.31 8.23
N CYS A 316 9.93 -14.67 7.35
CA CYS A 316 10.02 -14.99 5.93
C CYS A 316 11.36 -14.59 5.35
N ALA A 317 11.87 -13.42 5.74
CA ALA A 317 13.17 -13.00 5.25
C ALA A 317 14.27 -13.97 5.68
N VAL A 318 14.20 -14.46 6.92
CA VAL A 318 15.19 -15.40 7.40
C VAL A 318 15.12 -16.69 6.58
N ASN A 319 13.91 -17.19 6.35
CA ASN A 319 13.78 -18.44 5.59
C ASN A 319 14.16 -18.26 4.13
N GLU A 320 13.83 -17.11 3.54
CA GLU A 320 14.18 -16.89 2.14
C GLU A 320 15.63 -16.43 1.96
N LYS A 321 16.34 -16.14 3.05
CA LYS A 321 17.72 -15.65 2.98
C LYS A 321 17.79 -14.33 2.20
N ILE A 322 16.89 -13.42 2.55
CA ILE A 322 16.78 -12.11 1.90
C ILE A 322 16.86 -11.06 3.00
N ASN A 323 17.69 -10.04 2.81
CA ASN A 323 17.89 -9.08 3.90
C ASN A 323 17.27 -7.71 3.64
N ARG A 324 16.71 -7.47 2.46
CA ARG A 324 15.99 -6.23 2.16
C ARG A 324 14.51 -6.54 2.08
N VAL A 325 13.72 -5.84 2.89
CA VAL A 325 12.29 -6.09 3.04
C VAL A 325 11.57 -4.80 2.69
N VAL A 326 10.82 -4.78 1.58
CA VAL A 326 10.11 -3.58 1.17
C VAL A 326 8.62 -3.75 1.44
N PHE A 327 8.02 -2.74 2.07
CA PHE A 327 6.62 -2.78 2.48
C PHE A 327 5.81 -1.89 1.54
N VAL A 328 4.73 -2.44 0.98
CA VAL A 328 3.85 -1.68 0.09
C VAL A 328 2.40 -1.91 0.51
N GLY A 329 1.48 -1.35 -0.25
CA GLY A 329 0.07 -1.41 0.09
C GLY A 329 -0.39 -0.16 0.84
N ASN A 330 -1.70 0.04 0.90
CA ASN A 330 -2.19 1.31 1.40
C ASN A 330 -2.41 1.34 2.92
N PHE A 331 -2.16 0.23 3.63
CA PHE A 331 -2.12 0.33 5.09
C PHE A 331 -1.13 1.41 5.53
N LEU A 332 -0.07 1.63 4.76
CA LEU A 332 0.96 2.59 5.17
C LEU A 332 0.75 3.97 4.58
N ARG A 333 -0.29 4.18 3.77
CA ARG A 333 -0.56 5.53 3.28
C ARG A 333 -0.86 6.46 4.45
N VAL A 334 -0.29 7.68 4.38
CA VAL A 334 -0.32 8.71 5.42
C VAL A 334 -0.19 8.10 6.82
N ASN A 335 0.66 7.08 6.96
CA ASN A 335 0.76 6.30 8.20
C ASN A 335 2.23 6.23 8.62
N THR A 336 2.79 7.37 9.01
CA THR A 336 4.20 7.39 9.42
C THR A 336 4.41 6.60 10.71
N LEU A 337 3.39 6.54 11.57
CA LEU A 337 3.49 5.76 12.80
C LEU A 337 3.82 4.30 12.51
N SER A 338 3.06 3.68 11.62
CA SER A 338 3.33 2.27 11.30
C SER A 338 4.65 2.13 10.54
N MET A 339 4.96 3.07 9.64
CA MET A 339 6.24 2.95 8.94
C MET A 339 7.41 3.01 9.92
N LYS A 340 7.37 3.96 10.87
CA LYS A 340 8.48 4.08 11.80
C LYS A 340 8.53 2.91 12.76
N LEU A 341 7.35 2.37 13.14
CA LEU A 341 7.35 1.19 13.99
C LEU A 341 7.96 0.00 13.27
N LEU A 342 7.63 -0.17 11.98
CA LEU A 342 8.23 -1.24 11.18
C LEU A 342 9.74 -1.06 11.05
N ALA A 343 10.19 0.16 10.72
CA ALA A 343 11.62 0.41 10.60
C ALA A 343 12.35 0.09 11.90
N TYR A 344 11.80 0.53 13.02
CA TYR A 344 12.45 0.26 14.30
C TYR A 344 12.40 -1.21 14.65
N ALA A 345 11.22 -1.83 14.51
CA ALA A 345 11.02 -3.19 14.97
C ALA A 345 11.81 -4.18 14.13
N LEU A 346 11.78 -4.01 12.81
CA LEU A 346 12.55 -4.93 11.96
C LEU A 346 14.03 -4.85 12.28
N ASP A 347 14.56 -3.64 12.44
CA ASP A 347 15.97 -3.49 12.80
C ASP A 347 16.26 -4.04 14.19
N TYR A 348 15.41 -3.71 15.17
CA TYR A 348 15.68 -4.15 16.54
C TYR A 348 15.63 -5.68 16.64
N TRP A 349 14.53 -6.28 16.19
CA TRP A 349 14.34 -7.71 16.42
C TRP A 349 15.22 -8.56 15.50
N SER A 350 15.74 -8.00 14.42
CA SER A 350 16.69 -8.74 13.59
C SER A 350 18.15 -8.45 13.98
N LYS A 351 18.35 -7.67 15.04
CA LYS A 351 19.68 -7.27 15.47
C LYS A 351 20.44 -6.62 14.31
N GLY A 352 19.73 -5.83 13.52
CA GLY A 352 20.34 -5.08 12.45
C GLY A 352 20.62 -5.84 11.17
N GLN A 353 20.12 -7.08 11.06
CA GLN A 353 20.36 -7.88 9.86
C GLN A 353 19.37 -7.61 8.75
N LEU A 354 18.19 -7.09 9.08
CA LEU A 354 17.18 -6.77 8.09
C LEU A 354 16.95 -5.25 8.05
N LYS A 355 16.64 -4.75 6.85
CA LYS A 355 16.37 -3.33 6.66
C LYS A 355 14.97 -3.17 6.10
N ALA A 356 14.17 -2.31 6.74
CA ALA A 356 12.83 -1.99 6.25
C ALA A 356 12.92 -0.91 5.18
N LEU A 357 12.30 -1.17 4.03
CA LEU A 357 12.30 -0.24 2.90
C LEU A 357 10.86 0.14 2.57
N PHE A 358 10.69 1.32 2.00
CA PHE A 358 9.38 1.86 1.68
C PHE A 358 9.44 2.50 0.30
N LEU A 359 8.27 2.63 -0.34
CA LEU A 359 8.22 3.16 -1.71
C LEU A 359 7.17 4.27 -1.80
N GLU A 360 7.53 5.35 -2.49
CA GLU A 360 6.62 6.49 -2.55
C GLU A 360 5.29 6.14 -3.21
N HIS A 361 5.30 5.24 -4.19
CA HIS A 361 4.06 4.88 -4.91
C HIS A 361 3.45 3.59 -4.40
N GLU A 362 3.51 3.35 -3.08
CA GLU A 362 3.35 2.00 -2.53
C GLU A 362 1.98 1.37 -2.79
N GLY A 363 0.93 2.16 -2.93
CA GLY A 363 -0.34 1.50 -3.16
C GLY A 363 -0.69 1.21 -4.62
N TYR A 364 0.11 1.70 -5.56
CA TYR A 364 -0.29 1.79 -6.97
C TYR A 364 0.45 0.83 -7.89
N PHE A 365 1.30 -0.06 -7.36
CA PHE A 365 2.15 -0.83 -8.26
C PHE A 365 1.35 -1.80 -9.12
N GLY A 366 0.31 -2.42 -8.56
CA GLY A 366 -0.51 -3.30 -9.37
C GLY A 366 -1.18 -2.57 -10.51
N ALA A 367 -1.70 -1.38 -10.25
CA ALA A 367 -2.35 -0.62 -11.30
C ALA A 367 -1.36 -0.26 -12.41
N VAL A 368 -0.14 0.08 -12.04
CA VAL A 368 0.87 0.40 -13.04
C VAL A 368 1.25 -0.85 -13.83
N GLY A 369 1.44 -1.98 -13.14
CA GLY A 369 1.79 -3.20 -13.84
C GLY A 369 0.71 -3.62 -14.82
N ALA A 370 -0.55 -3.39 -14.47
CA ALA A 370 -1.66 -3.67 -15.39
C ALA A 370 -1.57 -2.77 -16.61
N LEU A 371 -1.39 -1.47 -16.42
CA LEU A 371 -1.19 -0.56 -17.54
C LEU A 371 -0.04 -1.03 -18.43
N LEU A 372 1.02 -1.56 -17.82
CA LEU A 372 2.18 -1.99 -18.61
C LEU A 372 1.88 -3.22 -19.47
N GLY A 373 0.78 -3.92 -19.20
CA GLY A 373 0.43 -5.05 -20.04
C GLY A 373 -0.31 -4.68 -21.30
N LEU A 374 -0.67 -3.41 -21.46
CA LEU A 374 -1.42 -2.97 -22.63
C LEU A 374 -0.81 -3.41 -23.96
N PRO A 375 0.50 -3.33 -24.18
CA PRO A 375 1.04 -3.71 -25.51
C PRO A 375 0.81 -5.18 -25.86
N ASN A 376 0.52 -6.04 -24.90
CA ASN A 376 0.29 -7.44 -25.24
C ASN A 376 -1.08 -7.69 -25.86
N PHE A 377 -1.94 -6.67 -25.92
CA PHE A 377 -3.28 -6.84 -26.46
C PHE A 377 -3.56 -5.85 -27.58
C1 EDO B . 7.57 -1.99 19.50
O1 EDO B . 6.51 -2.64 20.20
C2 EDO B . 8.72 -2.95 19.13
O2 EDO B . 8.25 -4.13 18.46
C1 EDO C . -10.93 7.31 -1.02
O1 EDO C . -10.91 7.38 0.41
C2 EDO C . -10.26 6.03 -1.47
O2 EDO C . -8.94 5.96 -0.91
C1 EDO D . -13.40 -10.84 31.66
O1 EDO D . -13.28 -9.87 32.72
C2 EDO D . -12.06 -11.33 31.10
O2 EDO D . -11.28 -12.01 32.11
C ACT E . 0.50 -2.49 -4.87
O ACT E . -0.03 -3.16 -5.80
OXT ACT E . 1.28 -1.48 -4.94
CH3 ACT E . 0.17 -2.91 -3.42
C17 NDK F . -1.90 -21.65 9.07
C20 NDK F . -3.12 -20.96 9.19
C21 NDK F . -3.41 -19.97 8.25
C22 NDK F . -3.59 -17.54 6.51
C26 NDK F . -5.34 -13.60 0.14
C01 NDK F . -4.31 -12.01 -2.30
C02 NDK F . -5.11 -11.38 -1.10
C03 NDK F . -6.61 -11.15 -1.46
C04 NDK F . -4.90 -12.26 0.17
C06 NDK F . -4.07 -12.48 2.33
C07 NDK F . -4.49 -13.81 2.38
C08 NDK F . -4.24 -14.61 3.61
C09 NDK F . -3.19 -15.72 3.30
C11 NDK F . -2.27 -17.92 3.96
C12 NDK F . -1.61 -18.34 5.25
C14 NDK F . -2.44 -19.73 7.27
C18 NDK F . -1.57 -22.72 10.02
C23 NDK F . -4.12 -16.94 5.23
C25 NDK F . -5.13 -14.40 1.27
F01 NDK F . -5.96 -14.12 -0.96
N07 NDK F . -4.26 -11.72 1.24
N10 NDK F . -3.19 -16.86 4.16
N13 NDK F . -2.67 -18.69 6.24
N15 NDK F . -1.33 -20.42 7.25
N16 NDK F . -1.06 -21.37 8.14
N19 NDK F . -1.33 -23.52 10.75
O24 NDK F . -2.39 -15.68 2.40
PG ANP G . -6.42 -6.69 -1.32
O1G ANP G . -6.28 -7.61 -0.13
O2G ANP G . -7.49 -7.27 -2.26
O3G ANP G . -5.05 -6.57 -2.02
PB ANP G . -6.67 -3.80 -1.39
O1B ANP G . -5.85 -3.94 -2.63
O2B ANP G . -7.91 -2.94 -1.57
N3B ANP G . -6.95 -5.22 -0.67
PA ANP G . -4.87 -1.69 -0.38
O1A ANP G . -5.51 -0.64 -1.27
O2A ANP G . -3.42 -1.97 -0.74
O3A ANP G . -5.71 -3.05 -0.36
O5' ANP G . -4.89 -1.26 1.17
C5' ANP G . -6.12 -1.24 1.90
C4' ANP G . -5.82 -0.72 3.31
O4' ANP G . -5.33 0.63 3.22
C3' ANP G . -7.07 -0.67 4.18
O3' ANP G . -7.19 -1.95 4.83
C2' ANP G . -6.69 0.43 5.20
O2' ANP G . -5.93 -0.11 6.28
C1' ANP G . -5.75 1.37 4.37
N9 ANP G . -6.37 2.58 3.85
C8 ANP G . -5.66 3.71 3.55
N7 ANP G . -6.49 4.62 3.06
C5 ANP G . -7.74 4.10 3.04
C6 ANP G . -9.00 4.59 2.64
N6 ANP G . -9.11 5.88 2.13
N1 ANP G . -10.07 3.81 2.76
C2 ANP G . -9.91 2.59 3.23
N3 ANP G . -8.77 2.06 3.62
C4 ANP G . -7.67 2.79 3.55
MG MG H . -4.29 -5.10 -3.29
#